data_6N3S
#
_entry.id   6N3S
#
_cell.length_a   32.830
_cell.length_b   72.210
_cell.length_c   79.820
_cell.angle_alpha   90.00
_cell.angle_beta   91.53
_cell.angle_gamma   90.00
#
_symmetry.space_group_name_H-M   'P 1 21 1'
#
loop_
_entity.id
_entity.type
_entity.pdbx_description
1 polymer Cruzipain
2 non-polymer 1,2-ETHANEDIOL
3 non-polymer 'PHOSPHATE ION'
4 water water
#
_entity_poly.entity_id   1
_entity_poly.type   'polypeptide(L)'
_entity_poly.pdbx_seq_one_letter_code
;APAAVDWRARGAVTAVKDQGQCGSCWAFSAIGNVECQWFLAGHPLTNLSEQMLVSCDKTDSGCSGGLMNNAFEWIVQENN
GAVYTEDSYPYASGEGISPPCTTSGHTVGATITGHVELPQDEAQIAAWLAVNGPVAVAVDASSWMTYTGGVMTSCVSEQL
DHGVLLVGYNDSAAVPYWIIKNSWTTQWGEEGYIRIAKGSNQCLVKEEASSAVVG
;
_entity_poly.pdbx_strand_id   A,B
#
loop_
_chem_comp.id
_chem_comp.type
_chem_comp.name
_chem_comp.formula
EDO non-polymer 1,2-ETHANEDIOL 'C2 H6 O2'
PO4 non-polymer 'PHOSPHATE ION' 'O4 P -3'
#
# COMPACT_ATOMS: atom_id res chain seq x y z
N ALA A 1 -16.96 29.73 -2.58
CA ALA A 1 -15.49 29.69 -2.37
C ALA A 1 -14.80 29.71 -3.72
N PRO A 2 -13.52 30.02 -3.81
CA PRO A 2 -12.87 29.98 -5.13
C PRO A 2 -12.93 28.59 -5.72
N ALA A 3 -12.83 28.53 -7.05
CA ALA A 3 -12.87 27.24 -7.73
C ALA A 3 -11.68 26.37 -7.41
N ALA A 4 -10.56 26.97 -6.99
CA ALA A 4 -9.35 26.23 -6.68
C ALA A 4 -8.47 27.12 -5.82
N VAL A 5 -7.71 26.48 -4.93
CA VAL A 5 -6.80 27.12 -3.99
C VAL A 5 -5.57 26.25 -3.84
N ASP A 6 -4.40 26.86 -3.68
CA ASP A 6 -3.18 26.11 -3.41
C ASP A 6 -2.23 27.02 -2.64
N TRP A 7 -2.13 26.79 -1.35
CA TRP A 7 -1.30 27.68 -0.48
C TRP A 7 0.19 27.61 -0.80
N ARG A 8 0.63 26.61 -1.58
CA ARG A 8 2.00 26.63 -2.04
C ARG A 8 2.26 27.85 -2.91
N ALA A 9 1.22 28.38 -3.57
CA ALA A 9 1.40 29.56 -4.42
C ALA A 9 1.76 30.82 -3.62
N ARG A 10 1.47 30.83 -2.33
CA ARG A 10 1.86 31.92 -1.43
C ARG A 10 3.21 31.65 -0.77
N GLY A 11 3.83 30.51 -1.04
CA GLY A 11 5.04 30.14 -0.33
C GLY A 11 4.80 29.88 1.13
N ALA A 12 3.62 29.39 1.47
CA ALA A 12 3.21 29.26 2.85
C ALA A 12 3.49 27.90 3.44
N VAL A 13 4.05 26.98 2.65
CA VAL A 13 4.20 25.58 3.06
C VAL A 13 5.66 25.20 3.02
N THR A 14 6.15 24.65 4.12
CA THR A 14 7.54 24.19 4.17
C THR A 14 7.71 22.92 3.34
N ALA A 15 8.96 22.55 3.15
CA ALA A 15 9.31 21.35 2.41
C ALA A 15 8.72 20.10 3.07
N VAL A 16 8.49 19.08 2.23
CA VAL A 16 8.01 17.80 2.69
C VAL A 16 9.05 17.14 3.56
N LYS A 17 8.61 16.61 4.69
CA LYS A 17 9.47 15.99 5.68
C LYS A 17 9.32 14.46 5.65
N ASP A 18 10.08 13.81 6.52
CA ASP A 18 10.14 12.36 6.58
C ASP A 18 9.98 11.93 8.04
N GLN A 19 8.81 11.39 8.39
CA GLN A 19 8.60 10.93 9.75
C GLN A 19 9.34 9.64 10.03
N GLY A 20 9.82 8.95 9.01
CA GLY A 20 10.51 7.70 9.22
C GLY A 20 9.59 6.63 9.79
N GLN A 21 10.15 5.79 10.65
CA GLN A 21 9.46 4.64 11.21
C GLN A 21 8.73 4.95 12.51
N CYS A 22 8.65 6.20 12.89
CA CYS A 22 7.91 6.63 14.06
C CYS A 22 6.46 6.93 13.67
N GLY A 23 5.52 6.54 14.52
CA GLY A 23 4.11 6.85 14.30
C GLY A 23 3.76 8.25 14.77
N SER A 24 4.47 9.23 14.24
CA SER A 24 4.40 10.62 14.66
C SER A 24 3.68 11.52 13.65
N CYS A 25 2.88 10.94 12.75
CA CYS A 25 2.21 11.75 11.74
C CYS A 25 1.33 12.82 12.38
N TRP A 26 0.74 12.55 13.54
CA TRP A 26 -0.04 13.56 14.26
C TRP A 26 0.77 14.81 14.51
N ALA A 27 2.06 14.63 14.83
CA ALA A 27 2.92 15.77 15.09
C ALA A 27 3.32 16.49 13.80
N PHE A 28 3.59 15.73 12.73
CA PHE A 28 3.88 16.36 11.44
C PHE A 28 2.69 17.15 10.92
N SER A 29 1.49 16.61 11.09
CA SER A 29 0.28 17.32 10.67
C SER A 29 0.09 18.60 11.46
N ALA A 30 0.18 18.50 12.79
CA ALA A 30 0.00 19.68 13.65
C ALA A 30 1.06 20.74 13.37
N ILE A 31 2.33 20.33 13.31
CA ILE A 31 3.41 21.30 13.11
C ILE A 31 3.33 21.91 11.72
N GLY A 32 3.03 21.10 10.70
CA GLY A 32 2.88 21.67 9.38
C GLY A 32 1.82 22.74 9.34
N ASN A 33 0.71 22.48 10.03
CA ASN A 33 -0.35 23.49 10.13
C ASN A 33 0.16 24.75 10.84
N VAL A 34 0.87 24.58 11.98
CA VAL A 34 1.40 25.75 12.69
C VAL A 34 2.34 26.53 11.78
N GLU A 35 3.24 25.84 11.09
CA GLU A 35 4.19 26.51 10.22
C GLU A 35 3.48 27.42 9.24
N CYS A 36 2.41 26.92 8.62
CA CYS A 36 1.66 27.70 7.65
C CYS A 36 0.93 28.87 8.30
N GLN A 37 0.28 28.62 9.44
CA GLN A 37 -0.45 29.69 10.12
C GLN A 37 0.48 30.78 10.60
N TRP A 38 1.69 30.41 11.05
CA TRP A 38 2.68 31.38 11.51
C TRP A 38 3.11 32.27 10.34
N PHE A 39 3.41 31.66 9.20
CA PHE A 39 3.73 32.43 8.00
C PHE A 39 2.59 33.37 7.61
N LEU A 40 1.36 32.86 7.63
CA LEU A 40 0.23 33.66 7.15
C LEU A 40 -0.11 34.79 8.09
N ALA A 41 0.34 34.73 9.34
CA ALA A 41 0.20 35.83 10.29
C ALA A 41 1.22 36.93 10.07
N GLY A 42 2.12 36.76 9.11
CA GLY A 42 3.07 37.79 8.76
C GLY A 42 4.48 37.58 9.29
N HIS A 43 4.90 36.35 9.47
CA HIS A 43 6.22 36.01 9.96
C HIS A 43 6.95 35.21 8.90
N PRO A 44 8.28 35.17 8.95
CA PRO A 44 9.02 34.38 7.96
C PRO A 44 8.67 32.90 8.09
N LEU A 45 8.58 32.23 6.94
CA LEU A 45 8.31 30.80 6.96
C LEU A 45 9.45 30.09 7.68
N THR A 46 9.09 29.30 8.69
CA THR A 46 10.05 28.72 9.61
C THR A 46 9.75 27.24 9.78
N ASN A 47 10.79 26.41 9.67
CA ASN A 47 10.66 25.00 10.01
C ASN A 47 10.59 24.84 11.51
N LEU A 48 9.57 24.20 11.98
CA LEU A 48 9.28 24.01 13.40
C LEU A 48 9.44 22.55 13.81
N SER A 49 9.39 22.31 15.12
CA SER A 49 9.88 21.05 15.69
C SER A 49 8.76 20.04 15.97
N GLU A 50 8.69 19.00 15.14
CA GLU A 50 7.89 17.83 15.49
C GLU A 50 8.44 17.13 16.73
N GLN A 51 9.77 17.09 16.88
CA GLN A 51 10.35 16.35 17.98
C GLN A 51 9.91 16.91 19.33
N MET A 52 9.74 18.22 19.41
CA MET A 52 9.20 18.81 20.63
C MET A 52 7.91 18.11 21.05
N LEU A 53 6.99 17.92 20.10
CA LEU A 53 5.73 17.26 20.42
C LEU A 53 5.94 15.78 20.72
N VAL A 54 6.69 15.09 19.87
CA VAL A 54 6.86 13.65 20.04
C VAL A 54 7.46 13.34 21.40
N SER A 55 8.46 14.11 21.82
CA SER A 55 9.14 13.85 23.09
C SER A 55 8.43 14.43 24.30
N CYS A 56 7.77 15.58 24.18
CA CYS A 56 7.38 16.34 25.36
C CYS A 56 5.88 16.37 25.61
N ASP A 57 5.06 16.12 24.60
CA ASP A 57 3.61 16.17 24.76
C ASP A 57 3.14 14.83 25.31
N LYS A 58 2.90 14.78 26.61
CA LYS A 58 2.54 13.52 27.25
C LYS A 58 1.04 13.24 27.21
N THR A 59 0.24 14.12 26.59
CA THR A 59 -1.15 13.79 26.31
C THR A 59 -1.26 12.93 25.07
N ASP A 60 -0.28 12.99 24.19
CA ASP A 60 -0.16 12.13 23.04
C ASP A 60 0.85 11.04 23.35
N SER A 61 1.08 10.14 22.39
CA SER A 61 1.79 8.89 22.64
C SER A 61 3.04 8.74 21.78
N GLY A 62 3.69 9.84 21.45
CA GLY A 62 4.98 9.78 20.79
C GLY A 62 4.91 9.03 19.47
N CYS A 63 5.78 8.03 19.34
CA CYS A 63 5.82 7.20 18.14
C CYS A 63 4.69 6.18 18.09
N SER A 64 3.83 6.12 19.10
CA SER A 64 2.68 5.24 19.10
C SER A 64 1.38 5.96 18.80
N GLY A 65 1.45 7.21 18.36
CA GLY A 65 0.29 7.91 17.84
C GLY A 65 -0.13 9.08 18.72
N GLY A 66 -1.17 9.76 18.26
CA GLY A 66 -1.66 10.95 18.92
C GLY A 66 -2.71 11.62 18.07
N LEU A 67 -3.09 12.82 18.48
CA LEU A 67 -4.15 13.58 17.83
C LEU A 67 -3.69 15.02 17.68
N MET A 68 -3.90 15.58 16.49
CA MET A 68 -3.51 16.98 16.27
C MET A 68 -4.19 17.90 17.27
N ASN A 69 -5.47 17.67 17.58
CA ASN A 69 -6.13 18.57 18.51
C ASN A 69 -5.48 18.51 19.89
N ASN A 70 -5.07 17.31 20.33
CA ASN A 70 -4.34 17.19 21.60
C ASN A 70 -3.04 17.97 21.54
N ALA A 71 -2.35 17.89 20.40
CA ALA A 71 -1.07 18.57 20.26
C ALA A 71 -1.23 20.08 20.36
N PHE A 72 -2.24 20.63 19.69
CA PHE A 72 -2.47 22.07 19.77
C PHE A 72 -2.78 22.48 21.21
N GLU A 73 -3.60 21.68 21.89
CA GLU A 73 -3.92 21.95 23.29
C GLU A 73 -2.68 21.88 24.17
N TRP A 74 -1.82 20.88 23.94
CA TRP A 74 -0.61 20.78 24.75
C TRP A 74 0.28 22.01 24.56
N ILE A 75 0.47 22.43 23.31
CA ILE A 75 1.31 23.60 23.06
C ILE A 75 0.81 24.79 23.88
N VAL A 76 -0.49 25.04 23.83
CA VAL A 76 -1.03 26.23 24.49
C VAL A 76 -1.05 26.06 26.00
N GLN A 77 -1.52 24.91 26.48
CA GLN A 77 -1.78 24.72 27.91
C GLN A 77 -0.55 24.31 28.70
N GLU A 78 0.42 23.64 28.08
CA GLU A 78 1.60 23.16 28.78
C GLU A 78 2.89 23.82 28.34
N ASN A 79 2.94 24.40 27.14
CA ASN A 79 4.18 24.99 26.62
C ASN A 79 4.07 26.48 26.36
N ASN A 80 3.10 27.16 26.98
CA ASN A 80 2.95 28.61 26.87
C ASN A 80 2.80 29.07 25.42
N GLY A 81 2.21 28.23 24.58
CA GLY A 81 2.02 28.53 23.19
C GLY A 81 3.23 28.34 22.32
N ALA A 82 4.38 28.03 22.88
CA ALA A 82 5.64 28.06 22.15
C ALA A 82 5.84 26.80 21.33
N VAL A 83 6.36 26.99 20.12
CA VAL A 83 6.80 25.89 19.26
C VAL A 83 8.25 26.15 18.89
N TYR A 84 9.13 25.23 19.25
CA TYR A 84 10.55 25.43 18.98
C TYR A 84 10.86 25.25 17.50
N THR A 85 11.94 25.88 17.07
CA THR A 85 12.42 25.68 15.71
C THR A 85 12.92 24.26 15.53
N GLU A 86 12.76 23.76 14.30
N GLU A 86 12.82 23.78 14.31
CA GLU A 86 13.36 22.48 13.93
CA GLU A 86 13.36 22.47 13.97
C GLU A 86 14.86 22.51 14.17
C GLU A 86 14.89 22.49 14.14
N ASP A 87 15.52 23.58 13.74
CA ASP A 87 16.98 23.64 13.85
C ASP A 87 17.44 23.46 15.29
N SER A 88 16.69 24.02 16.24
CA SER A 88 17.08 23.96 17.65
C SER A 88 16.55 22.74 18.38
N TYR A 89 15.62 22.00 17.77
CA TYR A 89 15.07 20.78 18.37
C TYR A 89 14.80 19.81 17.19
N PRO A 90 15.85 19.28 16.63
CA PRO A 90 15.69 18.51 15.38
C PRO A 90 15.06 17.14 15.60
N TYR A 91 14.53 16.59 14.51
CA TYR A 91 13.89 15.29 14.59
C TYR A 91 14.91 14.22 14.88
N ALA A 92 14.55 13.33 15.78
CA ALA A 92 15.47 12.30 16.23
C ALA A 92 14.75 10.98 16.43
N SER A 93 13.59 10.79 15.78
CA SER A 93 12.78 9.60 15.99
C SER A 93 12.63 8.76 14.73
N GLY A 94 13.40 9.03 13.67
CA GLY A 94 13.18 8.39 12.39
C GLY A 94 13.33 6.89 12.41
N GLU A 95 14.10 6.36 13.35
CA GLU A 95 14.26 4.91 13.47
C GLU A 95 13.12 4.26 14.24
N GLY A 96 12.24 5.06 14.85
CA GLY A 96 11.09 4.51 15.54
C GLY A 96 11.12 4.63 17.05
N ILE A 97 12.18 5.19 17.64
CA ILE A 97 12.25 5.44 19.08
C ILE A 97 12.44 6.94 19.31
N SER A 98 11.54 7.54 20.06
CA SER A 98 11.65 8.95 20.40
C SER A 98 12.52 9.13 21.64
N PRO A 99 13.48 10.05 21.62
CA PRO A 99 14.22 10.35 22.84
C PRO A 99 13.35 11.06 23.86
N PRO A 100 13.76 11.04 25.12
CA PRO A 100 13.05 11.80 26.15
C PRO A 100 13.11 13.29 25.89
N CYS A 101 12.15 14.00 26.46
CA CYS A 101 12.06 15.46 26.33
C CYS A 101 13.26 16.13 26.96
N THR A 102 13.72 17.20 26.32
CA THR A 102 14.67 18.13 26.91
C THR A 102 14.06 19.51 26.91
N THR A 103 14.18 20.23 28.03
CA THR A 103 13.63 21.57 28.15
C THR A 103 14.56 22.67 27.85
N SER A 104 15.86 22.45 27.85
CA SER A 104 16.85 23.50 27.65
C SER A 104 17.47 23.40 26.27
N GLY A 105 18.03 24.52 25.81
CA GLY A 105 18.77 24.56 24.56
C GLY A 105 17.94 24.76 23.31
N HIS A 106 16.69 25.17 23.43
CA HIS A 106 15.83 25.30 22.26
C HIS A 106 15.44 26.77 22.08
N THR A 107 15.00 27.09 20.86
CA THR A 107 14.71 28.44 20.41
C THR A 107 13.27 28.48 19.95
N VAL A 108 12.50 29.46 20.41
CA VAL A 108 11.09 29.56 20.05
C VAL A 108 10.98 30.09 18.63
N GLY A 109 10.34 29.31 17.75
CA GLY A 109 10.16 29.68 16.37
C GLY A 109 8.77 30.20 16.03
N ALA A 110 7.77 29.90 16.87
CA ALA A 110 6.40 30.34 16.63
C ALA A 110 5.65 30.24 17.94
N THR A 111 4.56 31.00 18.04
CA THR A 111 3.63 30.88 19.15
C THR A 111 2.21 30.79 18.60
N ILE A 112 1.41 29.92 19.20
CA ILE A 112 -0.02 29.83 18.90
C ILE A 112 -0.80 30.12 20.16
N THR A 113 -2.06 30.55 19.98
CA THR A 113 -2.91 30.91 21.10
C THR A 113 -4.08 29.94 21.31
N GLY A 114 -4.35 29.09 20.34
CA GLY A 114 -5.48 28.18 20.46
C GLY A 114 -5.60 27.39 19.17
N HIS A 115 -6.75 26.76 18.99
CA HIS A 115 -7.01 26.04 17.74
C HIS A 115 -8.51 25.97 17.53
N VAL A 116 -8.89 25.76 16.27
CA VAL A 116 -10.27 25.61 15.87
C VAL A 116 -10.48 24.21 15.33
N GLU A 117 -11.65 23.67 15.59
CA GLU A 117 -12.06 22.36 15.09
C GLU A 117 -13.19 22.62 14.10
N LEU A 118 -12.99 22.22 12.85
CA LEU A 118 -13.86 22.64 11.76
C LEU A 118 -15.01 21.66 11.58
N PRO A 119 -16.10 22.11 10.94
CA PRO A 119 -17.23 21.22 10.65
C PRO A 119 -16.82 20.02 9.83
N GLN A 120 -17.57 18.93 9.99
CA GLN A 120 -17.38 17.70 9.22
C GLN A 120 -18.12 17.84 7.88
N ASP A 121 -17.58 18.71 7.05
CA ASP A 121 -18.26 19.14 5.84
C ASP A 121 -17.19 19.63 4.88
N GLU A 122 -17.02 18.92 3.78
CA GLU A 122 -15.94 19.21 2.86
C GLU A 122 -16.06 20.61 2.26
N ALA A 123 -17.27 21.04 1.93
CA ALA A 123 -17.41 22.39 1.38
C ALA A 123 -17.04 23.45 2.40
N GLN A 124 -17.44 23.27 3.66
CA GLN A 124 -17.12 24.27 4.67
C GLN A 124 -15.63 24.26 5.01
N ILE A 125 -14.99 23.07 5.02
CA ILE A 125 -13.56 23.00 5.21
C ILE A 125 -12.85 23.72 4.08
N ALA A 126 -13.28 23.48 2.84
CA ALA A 126 -12.65 24.13 1.69
C ALA A 126 -12.79 25.64 1.79
N ALA A 127 -13.98 26.12 2.16
CA ALA A 127 -14.19 27.55 2.25
C ALA A 127 -13.32 28.17 3.33
N TRP A 128 -13.18 27.48 4.46
CA TRP A 128 -12.33 27.97 5.53
C TRP A 128 -10.88 28.00 5.08
N LEU A 129 -10.44 26.92 4.45
CA LEU A 129 -9.07 26.83 3.96
C LEU A 129 -8.78 27.92 2.95
N ALA A 130 -9.76 28.25 2.10
CA ALA A 130 -9.54 29.24 1.06
C ALA A 130 -9.12 30.58 1.65
N VAL A 131 -9.65 30.92 2.82
CA VAL A 131 -9.36 32.21 3.45
C VAL A 131 -8.24 32.09 4.47
N ASN A 132 -8.30 31.06 5.27
CA ASN A 132 -7.46 30.97 6.50
C ASN A 132 -6.23 30.09 6.43
N GLY A 133 -6.06 29.34 5.34
CA GLY A 133 -4.85 28.58 5.14
C GLY A 133 -5.00 27.05 5.35
N PRO A 134 -3.86 26.37 5.29
CA PRO A 134 -3.85 24.91 5.36
C PRO A 134 -4.44 24.37 6.66
N VAL A 135 -5.04 23.18 6.55
CA VAL A 135 -5.85 22.58 7.60
C VAL A 135 -5.29 21.20 7.92
N ALA A 136 -5.07 20.93 9.20
CA ALA A 136 -4.69 19.58 9.63
C ALA A 136 -5.91 18.67 9.54
N VAL A 137 -5.73 17.47 8.97
CA VAL A 137 -6.81 16.49 8.88
C VAL A 137 -6.30 15.10 9.17
N ALA A 138 -7.18 14.29 9.73
CA ALA A 138 -6.96 12.86 9.86
C ALA A 138 -7.57 12.16 8.66
N VAL A 139 -6.89 11.12 8.18
CA VAL A 139 -7.37 10.30 7.08
C VAL A 139 -7.12 8.83 7.40
N ASP A 140 -7.79 7.98 6.63
CA ASP A 140 -7.42 6.58 6.52
C ASP A 140 -6.43 6.48 5.38
N ALA A 141 -5.14 6.32 5.72
CA ALA A 141 -4.06 6.20 4.76
C ALA A 141 -3.56 4.77 4.67
N SER A 142 -4.33 3.81 5.16
CA SER A 142 -3.87 2.43 5.16
C SER A 142 -3.61 1.91 3.76
N SER A 143 -4.26 2.48 2.73
CA SER A 143 -4.12 2.06 1.34
C SER A 143 -3.13 2.89 0.55
N TRP A 144 -2.36 3.77 1.19
CA TRP A 144 -1.60 4.79 0.48
C TRP A 144 -0.16 4.41 0.16
N MET A 145 0.32 3.29 0.63
CA MET A 145 1.74 2.98 0.59
C MET A 145 2.34 2.95 -0.79
N THR A 146 1.58 2.55 -1.80
CA THR A 146 2.12 2.46 -3.16
C THR A 146 1.61 3.57 -4.08
N TYR A 147 1.00 4.62 -3.52
CA TYR A 147 0.54 5.73 -4.35
C TYR A 147 1.73 6.43 -5.00
N THR A 148 1.63 6.64 -6.31
CA THR A 148 2.65 7.35 -7.06
C THR A 148 2.12 8.57 -7.81
N GLY A 149 0.82 8.82 -7.81
CA GLY A 149 0.28 9.97 -8.48
C GLY A 149 -1.13 9.73 -8.97
N GLY A 150 -1.76 10.82 -9.39
CA GLY A 150 -3.13 10.82 -9.84
C GLY A 150 -4.08 11.22 -8.73
N VAL A 151 -5.35 11.35 -9.08
CA VAL A 151 -6.38 11.62 -8.10
C VAL A 151 -6.84 10.28 -7.54
N MET A 152 -6.51 10.04 -6.28
CA MET A 152 -6.91 8.83 -5.63
C MET A 152 -8.40 8.88 -5.42
N THR A 153 -9.08 7.89 -5.98
CA THR A 153 -10.51 7.71 -5.89
C THR A 153 -10.84 6.32 -5.35
N SER A 154 -9.80 5.59 -4.94
CA SER A 154 -9.98 4.24 -4.41
C SER A 154 -9.32 4.17 -3.05
N CYS A 155 -9.83 4.99 -2.12
CA CYS A 155 -9.29 5.08 -0.76
C CYS A 155 -10.04 4.22 0.25
N VAL A 156 -9.38 3.20 0.82
CA VAL A 156 -10.05 2.43 1.86
C VAL A 156 -10.36 3.46 2.95
N SER A 157 -11.62 3.64 3.32
CA SER A 157 -12.00 4.66 4.22
C SER A 157 -12.74 3.99 5.37
N GLU A 158 -12.02 3.17 6.10
CA GLU A 158 -12.57 2.41 7.22
C GLU A 158 -12.22 3.00 8.57
N GLN A 159 -10.99 3.49 8.75
CA GLN A 159 -10.58 3.92 10.09
C GLN A 159 -9.50 4.98 9.96
N LEU A 160 -9.67 6.07 10.70
CA LEU A 160 -8.65 7.10 10.73
C LEU A 160 -7.37 6.50 11.29
N ASP A 161 -6.26 6.77 10.63
CA ASP A 161 -4.98 6.27 11.13
C ASP A 161 -3.80 7.17 10.79
N HIS A 162 -4.00 8.36 10.22
CA HIS A 162 -2.87 9.12 9.72
C HIS A 162 -3.25 10.60 9.70
N GLY A 163 -2.35 11.46 10.16
CA GLY A 163 -2.52 12.90 10.09
C GLY A 163 -1.73 13.46 8.92
N VAL A 164 -2.37 14.38 8.19
CA VAL A 164 -1.78 15.03 7.02
C VAL A 164 -2.24 16.47 7.01
N LEU A 165 -1.89 17.19 5.95
CA LEU A 165 -2.18 18.62 5.87
C LEU A 165 -2.84 18.94 4.53
N LEU A 166 -4.08 19.45 4.58
CA LEU A 166 -4.72 19.97 3.37
C LEU A 166 -4.08 21.31 3.03
N VAL A 167 -3.57 21.43 1.82
CA VAL A 167 -3.00 22.71 1.37
C VAL A 167 -3.78 23.37 0.26
N GLY A 168 -4.78 22.70 -0.31
CA GLY A 168 -5.52 23.28 -1.41
C GLY A 168 -6.55 22.30 -1.94
N TYR A 169 -7.18 22.72 -3.04
CA TYR A 169 -8.18 21.89 -3.70
C TYR A 169 -8.38 22.44 -5.10
N ASN A 170 -9.07 21.67 -5.92
CA ASN A 170 -9.48 22.12 -7.26
C ASN A 170 -10.87 21.53 -7.51
N ASP A 171 -11.88 22.40 -7.40
CA ASP A 171 -13.27 22.01 -7.64
C ASP A 171 -13.64 22.00 -9.11
N SER A 172 -12.75 22.43 -9.99
CA SER A 172 -13.11 22.55 -11.40
C SER A 172 -12.81 21.30 -12.21
N ALA A 173 -11.98 20.40 -11.68
CA ALA A 173 -11.62 19.18 -12.40
C ALA A 173 -12.82 18.24 -12.50
N ALA A 174 -12.76 17.35 -13.50
CA ALA A 174 -13.87 16.42 -13.69
C ALA A 174 -14.13 15.61 -12.43
N VAL A 175 -13.07 15.11 -11.81
CA VAL A 175 -13.13 14.60 -10.44
C VAL A 175 -12.46 15.65 -9.58
N PRO A 176 -13.22 16.44 -8.82
CA PRO A 176 -12.61 17.46 -7.97
C PRO A 176 -11.71 16.80 -6.94
N TYR A 177 -10.72 17.55 -6.45
CA TYR A 177 -9.71 16.94 -5.58
C TYR A 177 -9.22 17.90 -4.51
N TRP A 178 -8.82 17.28 -3.39
CA TRP A 178 -8.01 17.92 -2.38
C TRP A 178 -6.54 17.74 -2.73
N ILE A 179 -5.72 18.70 -2.28
CA ILE A 179 -4.26 18.63 -2.39
C ILE A 179 -3.71 18.49 -0.97
N ILE A 180 -2.95 17.42 -0.73
CA ILE A 180 -2.54 17.03 0.62
C ILE A 180 -1.03 16.85 0.70
N LYS A 181 -0.40 17.50 1.68
CA LYS A 181 1.01 17.30 2.01
C LYS A 181 1.13 16.12 2.96
N ASN A 182 1.95 15.13 2.59
CA ASN A 182 2.25 14.00 3.45
C ASN A 182 3.65 14.18 4.04
N SER A 183 4.04 13.25 4.91
CA SER A 183 5.31 13.27 5.63
C SER A 183 6.11 12.00 5.39
N TRP A 184 6.11 11.53 4.14
CA TRP A 184 6.75 10.28 3.76
C TRP A 184 7.81 10.50 2.70
N THR A 185 8.48 11.65 2.76
CA THR A 185 9.49 12.09 1.79
C THR A 185 8.90 12.52 0.46
N THR A 186 9.71 13.21 -0.34
CA THR A 186 9.27 13.59 -1.69
C THR A 186 9.34 12.43 -2.67
N GLN A 187 9.88 11.28 -2.27
CA GLN A 187 9.89 10.12 -3.16
C GLN A 187 8.53 9.45 -3.22
N TRP A 188 7.65 9.74 -2.28
CA TRP A 188 6.32 9.17 -2.27
C TRP A 188 5.37 10.12 -2.99
N GLY A 189 4.44 9.54 -3.75
CA GLY A 189 3.38 10.35 -4.34
C GLY A 189 3.90 11.36 -5.35
N GLU A 190 3.26 12.53 -5.33
CA GLU A 190 3.56 13.61 -6.27
C GLU A 190 4.49 14.58 -5.54
N GLU A 191 5.78 14.28 -5.58
CA GLU A 191 6.78 15.02 -4.81
C GLU A 191 6.38 15.15 -3.34
N GLY A 192 5.81 14.09 -2.80
CA GLY A 192 5.46 14.04 -1.39
C GLY A 192 4.02 14.45 -1.11
N TYR A 193 3.28 14.85 -2.13
CA TYR A 193 1.87 15.23 -2.04
C TYR A 193 0.98 14.14 -2.63
N ILE A 194 -0.30 14.20 -2.25
CA ILE A 194 -1.32 13.33 -2.82
C ILE A 194 -2.56 14.16 -3.12
N ARG A 195 -3.21 13.82 -4.22
CA ARG A 195 -4.53 14.34 -4.54
C ARG A 195 -5.54 13.24 -4.29
N ILE A 196 -6.57 13.56 -3.52
CA ILE A 196 -7.68 12.62 -3.31
C ILE A 196 -8.97 13.28 -3.78
N ALA A 197 -9.91 12.45 -4.21
CA ALA A 197 -11.18 12.99 -4.65
C ALA A 197 -11.85 13.76 -3.53
N LYS A 198 -12.57 14.81 -3.91
CA LYS A 198 -13.21 15.73 -2.99
C LYS A 198 -14.72 15.71 -3.22
N GLY A 199 -15.47 15.54 -2.14
CA GLY A 199 -16.91 15.57 -2.16
C GLY A 199 -17.59 14.29 -1.72
N SER A 200 -16.85 13.20 -1.52
CA SER A 200 -17.44 11.91 -1.11
C SER A 200 -16.79 11.37 0.16
N ASN A 201 -16.21 12.25 0.95
CA ASN A 201 -15.53 11.88 2.20
C ASN A 201 -14.47 10.80 1.99
N GLN A 202 -13.75 10.91 0.88
N GLN A 202 -13.76 10.91 0.87
CA GLN A 202 -12.70 9.96 0.57
CA GLN A 202 -12.69 9.98 0.53
C GLN A 202 -11.66 9.95 1.67
C GLN A 202 -11.65 9.94 1.66
N CYS A 203 -11.29 8.75 2.09
CA CYS A 203 -10.30 8.55 3.14
C CYS A 203 -10.76 9.16 4.47
N LEU A 204 -12.05 9.43 4.62
CA LEU A 204 -12.61 10.01 5.84
C LEU A 204 -12.12 11.43 6.11
N VAL A 205 -11.74 12.14 5.04
CA VAL A 205 -11.04 13.41 5.16
C VAL A 205 -11.84 14.48 5.91
N LYS A 206 -13.16 14.41 5.92
CA LYS A 206 -13.91 15.48 6.56
C LYS A 206 -14.03 15.32 8.07
N GLU A 207 -13.59 14.19 8.62
N GLU A 207 -13.59 14.20 8.64
CA GLU A 207 -14.02 13.80 9.96
CA GLU A 207 -14.06 13.84 9.97
C GLU A 207 -13.38 14.65 11.06
C GLU A 207 -13.33 14.53 11.12
N GLU A 208 -12.08 14.96 10.93
CA GLU A 208 -11.30 15.54 12.02
C GLU A 208 -10.35 16.59 11.48
N ALA A 209 -10.91 17.73 11.09
CA ALA A 209 -10.19 18.84 10.50
C ALA A 209 -10.02 19.94 11.52
N SER A 210 -8.80 20.50 11.62
N SER A 210 -8.84 20.53 11.59
CA SER A 210 -8.46 21.46 12.65
CA SER A 210 -8.62 21.59 12.58
C SER A 210 -7.43 22.46 12.13
C SER A 210 -7.41 22.42 12.18
N SER A 211 -7.26 23.54 12.88
CA SER A 211 -6.15 24.43 12.63
C SER A 211 -5.76 25.15 13.92
N ALA A 212 -4.46 25.34 14.11
CA ALA A 212 -3.99 26.26 15.12
C ALA A 212 -4.36 27.69 14.74
N VAL A 213 -4.37 28.54 15.77
CA VAL A 213 -4.57 29.99 15.62
C VAL A 213 -3.31 30.67 16.08
N VAL A 214 -2.77 31.53 15.23
CA VAL A 214 -1.67 32.43 15.59
C VAL A 214 -2.26 33.82 15.77
N GLY A 215 -1.89 34.47 16.86
N GLY A 215 -1.90 34.47 16.87
CA GLY A 215 -2.35 35.83 17.13
CA GLY A 215 -2.37 35.84 17.15
C GLY A 215 -3.66 35.81 17.84
C GLY A 215 -3.73 35.82 17.79
N ALA B 1 -12.44 -15.77 -27.71
CA ALA B 1 -11.15 -15.36 -27.16
C ALA B 1 -10.07 -15.53 -28.22
N PRO B 2 -8.90 -14.92 -28.02
CA PRO B 2 -7.83 -15.13 -28.98
C PRO B 2 -7.48 -16.60 -29.09
N ALA B 3 -6.92 -16.99 -30.24
CA ALA B 3 -6.53 -18.37 -30.43
C ALA B 3 -5.40 -18.79 -29.50
N ALA B 4 -4.60 -17.84 -29.04
CA ALA B 4 -3.46 -18.14 -28.17
C ALA B 4 -3.07 -16.85 -27.46
N VAL B 5 -2.58 -17.01 -26.23
CA VAL B 5 -2.15 -15.90 -25.37
C VAL B 5 -0.92 -16.37 -24.60
N ASP B 6 0.03 -15.47 -24.39
CA ASP B 6 1.19 -15.80 -23.55
C ASP B 6 1.68 -14.49 -22.92
N TRP B 7 1.37 -14.32 -21.63
CA TRP B 7 1.68 -13.07 -20.95
C TRP B 7 3.17 -12.84 -20.79
N ARG B 8 4.01 -13.86 -20.99
CA ARG B 8 5.45 -13.62 -21.04
C ARG B 8 5.81 -12.69 -22.19
N ALA B 9 5.00 -12.64 -23.24
CA ALA B 9 5.28 -11.78 -24.38
C ALA B 9 5.16 -10.31 -24.03
N ARG B 10 4.43 -9.99 -22.96
CA ARG B 10 4.31 -8.63 -22.44
C ARG B 10 5.35 -8.33 -21.38
N GLY B 11 6.20 -9.29 -21.05
CA GLY B 11 7.16 -9.08 -19.98
C GLY B 11 6.48 -9.01 -18.63
N ALA B 12 5.32 -9.63 -18.49
CA ALA B 12 4.48 -9.48 -17.31
C ALA B 12 4.74 -10.52 -16.24
N VAL B 13 5.68 -11.44 -16.45
CA VAL B 13 5.89 -12.58 -15.57
C VAL B 13 7.33 -12.54 -15.07
N THR B 14 7.50 -12.62 -13.75
CA THR B 14 8.84 -12.64 -13.17
C THR B 14 9.50 -14.00 -13.40
N ALA B 15 10.80 -14.06 -13.12
CA ALA B 15 11.56 -15.29 -13.29
C ALA B 15 10.99 -16.43 -12.46
N VAL B 16 11.22 -17.66 -12.93
CA VAL B 16 10.83 -18.85 -12.20
C VAL B 16 11.60 -18.92 -10.89
N LYS B 17 10.90 -19.26 -9.83
CA LYS B 17 11.41 -19.31 -8.47
C LYS B 17 11.59 -20.75 -8.01
N ASP B 18 12.14 -20.90 -6.81
CA ASP B 18 12.43 -22.19 -6.22
C ASP B 18 11.85 -22.18 -4.82
N GLN B 19 10.75 -22.91 -4.61
CA GLN B 19 10.17 -23.00 -3.28
C GLN B 19 11.03 -23.83 -2.33
N GLY B 20 11.95 -24.62 -2.86
CA GLY B 20 12.80 -25.42 -1.99
C GLY B 20 12.01 -26.52 -1.29
N GLN B 21 12.44 -26.86 -0.08
CA GLN B 21 11.87 -27.96 0.69
C GLN B 21 10.64 -27.54 1.48
N CYS B 22 10.12 -26.35 1.23
CA CYS B 22 8.96 -25.81 1.93
C CYS B 22 7.71 -26.05 1.07
N GLY B 23 6.63 -26.49 1.70
CA GLY B 23 5.38 -26.69 1.00
C GLY B 23 4.60 -25.40 0.80
N SER B 24 5.22 -24.44 0.13
CA SER B 24 4.71 -23.08 0.01
C SER B 24 4.25 -22.74 -1.40
N CYS B 25 3.91 -23.76 -2.21
CA CYS B 25 3.50 -23.48 -3.58
C CYS B 25 2.32 -22.53 -3.63
N TRP B 26 1.41 -22.62 -2.65
CA TRP B 26 0.26 -21.73 -2.59
C TRP B 26 0.69 -20.27 -2.54
N ALA B 27 1.79 -19.99 -1.82
CA ALA B 27 2.30 -18.62 -1.74
C ALA B 27 2.95 -18.20 -3.04
N PHE B 28 3.70 -19.11 -3.68
CA PHE B 28 4.29 -18.77 -4.97
C PHE B 28 3.23 -18.51 -6.03
N SER B 29 2.15 -19.29 -6.01
CA SER B 29 1.05 -19.09 -6.95
C SER B 29 0.37 -17.75 -6.71
N ALA B 30 0.04 -17.45 -5.45
CA ALA B 30 -0.64 -16.20 -5.13
C ALA B 30 0.23 -15.00 -5.46
N ILE B 31 1.50 -15.06 -5.05
CA ILE B 31 2.40 -13.93 -5.25
C ILE B 31 2.73 -13.74 -6.71
N GLY B 32 2.97 -14.85 -7.44
CA GLY B 32 3.20 -14.72 -8.87
C GLY B 32 2.03 -14.04 -9.56
N ASN B 33 0.82 -14.39 -9.15
CA ASN B 33 -0.36 -13.72 -9.69
C ASN B 33 -0.36 -12.23 -9.36
N VAL B 34 -0.06 -11.86 -8.11
CA VAL B 34 -0.03 -10.43 -7.77
C VAL B 34 1.02 -9.71 -8.59
N GLU B 35 2.20 -10.30 -8.72
CA GLU B 35 3.28 -9.67 -9.49
C GLU B 35 2.79 -9.30 -10.87
N CYS B 36 2.10 -10.23 -11.53
CA CYS B 36 1.63 -9.99 -12.89
C CYS B 36 0.54 -8.93 -12.90
N GLN B 37 -0.41 -9.01 -11.97
CA GLN B 37 -1.50 -8.05 -11.93
C GLN B 37 -0.99 -6.65 -11.64
N TRP B 38 0.01 -6.54 -10.77
CA TRP B 38 0.60 -5.24 -10.47
C TRP B 38 1.26 -4.64 -11.70
N PHE B 39 2.03 -5.45 -12.43
CA PHE B 39 2.62 -4.98 -13.67
C PHE B 39 1.54 -4.51 -14.64
N LEU B 40 0.50 -5.32 -14.82
CA LEU B 40 -0.50 -5.01 -15.82
C LEU B 40 -1.34 -3.79 -15.45
N ALA B 41 -1.34 -3.40 -14.18
CA ALA B 41 -1.99 -2.17 -13.75
C ALA B 41 -1.16 -0.93 -14.06
N GLY B 42 0.00 -1.08 -14.68
CA GLY B 42 0.80 0.07 -15.08
C GLY B 42 1.94 0.39 -14.13
N HIS B 43 2.60 -0.64 -13.61
CA HIS B 43 3.73 -0.47 -12.69
C HIS B 43 4.89 -1.30 -13.19
N PRO B 44 6.11 -0.95 -12.78
CA PRO B 44 7.27 -1.78 -13.13
C PRO B 44 7.09 -3.19 -12.59
N LEU B 45 7.55 -4.16 -13.35
CA LEU B 45 7.54 -5.53 -12.87
C LEU B 45 8.41 -5.63 -11.62
N THR B 46 7.80 -6.10 -10.54
CA THR B 46 8.40 -6.05 -9.22
C THR B 46 8.31 -7.43 -8.59
N ASN B 47 9.44 -7.94 -8.07
CA ASN B 47 9.44 -9.19 -7.34
CA ASN B 47 9.43 -9.20 -7.34
C ASN B 47 8.85 -8.98 -5.95
N LEU B 48 7.88 -9.80 -5.61
CA LEU B 48 7.14 -9.65 -4.36
C LEU B 48 7.39 -10.86 -3.45
N SER B 49 6.96 -10.74 -2.20
CA SER B 49 7.44 -11.61 -1.13
C SER B 49 6.50 -12.78 -0.83
N GLU B 50 6.94 -13.99 -1.20
CA GLU B 50 6.30 -15.21 -0.71
C GLU B 50 6.49 -15.38 0.79
N GLN B 51 7.65 -14.97 1.31
CA GLN B 51 7.93 -15.19 2.73
C GLN B 51 6.93 -14.45 3.60
N MET B 52 6.47 -13.28 3.18
CA MET B 52 5.42 -12.59 3.90
C MET B 52 4.24 -13.51 4.17
N LEU B 53 3.76 -14.20 3.14
CA LEU B 53 2.65 -15.13 3.32
C LEU B 53 3.05 -16.33 4.15
N VAL B 54 4.18 -16.95 3.83
CA VAL B 54 4.56 -18.18 4.52
C VAL B 54 4.68 -17.94 6.02
N SER B 55 5.29 -16.82 6.40
CA SER B 55 5.50 -16.53 7.82
C SER B 55 4.32 -15.88 8.52
N CYS B 56 3.53 -15.06 7.81
CA CYS B 56 2.61 -14.15 8.50
C CYS B 56 1.14 -14.48 8.30
N ASP B 57 0.79 -15.19 7.23
CA ASP B 57 -0.61 -15.52 6.96
C ASP B 57 -0.99 -16.74 7.79
N LYS B 58 -1.62 -16.52 8.94
CA LYS B 58 -1.94 -17.59 9.85
C LYS B 58 -3.26 -18.27 9.51
N THR B 59 -3.96 -17.81 8.46
CA THR B 59 -5.09 -18.57 7.93
C THR B 59 -4.63 -19.71 7.03
N ASP B 60 -3.38 -19.69 6.59
CA ASP B 60 -2.74 -20.77 5.86
C ASP B 60 -1.69 -21.39 6.77
N SER B 61 -0.94 -22.36 6.24
CA SER B 61 -0.14 -23.24 7.10
C SER B 61 1.35 -23.24 6.75
N GLY B 62 1.85 -22.13 6.24
CA GLY B 62 3.29 -22.00 6.06
C GLY B 62 3.83 -23.07 5.13
N CYS B 63 4.89 -23.73 5.58
CA CYS B 63 5.48 -24.80 4.77
C CYS B 63 4.65 -26.07 4.76
N SER B 64 3.52 -26.12 5.45
CA SER B 64 2.62 -27.26 5.43
C SER B 64 1.40 -27.02 4.54
N GLY B 65 1.38 -25.96 3.75
CA GLY B 65 0.39 -25.79 2.71
C GLY B 65 -0.54 -24.61 2.96
N GLY B 66 -1.42 -24.41 2.00
CA GLY B 66 -2.33 -23.28 2.06
C GLY B 66 -3.16 -23.20 0.80
N LEU B 67 -3.92 -22.11 0.69
CA LEU B 67 -4.82 -21.88 -0.43
C LEU B 67 -4.63 -20.47 -0.94
N MET B 68 -4.56 -20.32 -2.27
CA MET B 68 -4.34 -18.99 -2.82
C MET B 68 -5.46 -18.03 -2.43
N ASN B 69 -6.70 -18.50 -2.43
CA ASN B 69 -7.79 -17.60 -2.08
C ASN B 69 -7.68 -17.13 -0.64
N ASN B 70 -7.27 -18.02 0.29
CA ASN B 70 -7.00 -17.57 1.66
C ASN B 70 -5.90 -16.51 1.68
N ALA B 71 -4.85 -16.71 0.88
CA ALA B 71 -3.76 -15.76 0.87
C ALA B 71 -4.25 -14.40 0.40
N PHE B 72 -5.03 -14.36 -0.68
CA PHE B 72 -5.53 -13.08 -1.16
C PHE B 72 -6.41 -12.41 -0.11
N GLU B 73 -7.17 -13.22 0.62
CA GLU B 73 -8.11 -12.71 1.67
C GLU B 73 -7.24 -12.15 2.84
N TRP B 74 -6.15 -12.86 3.17
CA TRP B 74 -5.29 -12.38 4.25
C TRP B 74 -4.64 -11.05 3.88
N ILE B 75 -4.14 -10.94 2.66
CA ILE B 75 -3.47 -9.71 2.25
C ILE B 75 -4.40 -8.52 2.43
N VAL B 76 -5.64 -8.66 1.97
CA VAL B 76 -6.60 -7.56 2.01
C VAL B 76 -7.10 -7.32 3.43
N GLN B 77 -7.48 -8.35 4.11
CA GLN B 77 -8.14 -8.20 5.42
C GLN B 77 -7.20 -8.05 6.59
N GLU B 78 -6.02 -8.62 6.53
CA GLU B 78 -5.08 -8.53 7.64
C GLU B 78 -3.89 -7.63 7.36
N ASN B 79 -3.57 -7.35 6.10
CA ASN B 79 -2.37 -6.60 5.77
C ASN B 79 -2.66 -5.34 4.95
N ASN B 80 -3.88 -4.83 5.02
CA ASN B 80 -4.24 -3.58 4.37
C ASN B 80 -3.98 -3.61 2.87
N GLY B 81 -4.05 -4.79 2.27
CA GLY B 81 -3.81 -4.97 0.85
C GLY B 81 -2.35 -5.01 0.46
N ALA B 82 -1.44 -4.86 1.42
CA ALA B 82 -0.04 -4.70 1.12
C ALA B 82 0.66 -6.02 0.84
N VAL B 83 1.49 -6.03 -0.19
CA VAL B 83 2.40 -7.14 -0.51
C VAL B 83 3.79 -6.57 -0.54
N TYR B 84 4.65 -7.05 0.35
CA TYR B 84 6.00 -6.53 0.46
C TYR B 84 6.86 -7.00 -0.72
N THR B 85 7.89 -6.22 -1.02
CA THR B 85 8.85 -6.62 -2.03
C THR B 85 9.66 -7.82 -1.56
N GLU B 86 10.10 -8.63 -2.53
CA GLU B 86 11.01 -9.71 -2.21
C GLU B 86 12.29 -9.18 -1.59
N ASP B 87 12.80 -8.06 -2.13
CA ASP B 87 14.07 -7.56 -1.64
C ASP B 87 13.99 -7.19 -0.17
N SER B 88 12.85 -6.65 0.28
CA SER B 88 12.69 -6.22 1.66
C SER B 88 12.18 -7.34 2.56
N TYR B 89 11.71 -8.44 1.99
CA TYR B 89 11.23 -9.59 2.78
C TYR B 89 11.57 -10.84 2.00
N PRO B 90 12.85 -11.20 1.94
CA PRO B 90 13.28 -12.28 1.02
C PRO B 90 12.93 -13.67 1.51
N TYR B 91 12.93 -14.60 0.58
CA TYR B 91 12.57 -15.99 0.90
C TYR B 91 13.62 -16.57 1.84
N ALA B 92 13.14 -17.24 2.89
CA ALA B 92 14.02 -17.79 3.90
C ALA B 92 13.64 -19.20 4.29
N SER B 93 12.77 -19.86 3.53
CA SER B 93 12.23 -21.16 3.91
C SER B 93 12.70 -22.28 3.00
N GLY B 94 13.73 -22.05 2.19
CA GLY B 94 14.16 -23.07 1.24
C GLY B 94 14.59 -24.36 1.88
N GLU B 95 15.12 -24.31 3.10
CA GLU B 95 15.53 -25.51 3.80
C GLU B 95 14.40 -26.14 4.60
N GLY B 96 13.18 -25.59 4.52
CA GLY B 96 12.00 -26.24 5.03
C GLY B 96 11.44 -25.69 6.31
N ILE B 97 12.09 -24.68 6.91
CA ILE B 97 11.60 -24.07 8.14
C ILE B 97 11.41 -22.57 7.94
N SER B 98 10.20 -22.11 8.12
CA SER B 98 9.92 -20.70 7.94
C SER B 98 10.26 -19.94 9.22
N PRO B 99 10.98 -18.81 9.14
CA PRO B 99 11.21 -17.99 10.32
C PRO B 99 9.95 -17.31 10.78
N PRO B 100 9.93 -16.79 12.00
CA PRO B 100 8.75 -16.09 12.49
C PRO B 100 8.41 -14.85 11.66
N CYS B 101 7.12 -14.55 11.64
CA CYS B 101 6.63 -13.34 10.98
C CYS B 101 7.30 -12.09 11.54
N THR B 102 7.60 -11.15 10.64
CA THR B 102 7.97 -9.80 11.03
C THR B 102 7.05 -8.83 10.29
N THR B 103 6.52 -7.85 11.02
CA THR B 103 5.62 -6.88 10.42
C THR B 103 6.31 -5.58 10.04
N SER B 104 7.45 -5.28 10.64
CA SER B 104 8.17 -4.03 10.44
C SER B 104 9.43 -4.29 9.65
N GLY B 105 9.96 -3.22 9.06
CA GLY B 105 11.22 -3.31 8.35
C GLY B 105 11.12 -3.71 6.90
N HIS B 106 9.91 -3.73 6.33
CA HIS B 106 9.70 -4.12 4.95
C HIS B 106 9.17 -2.92 4.16
N THR B 107 9.17 -3.10 2.84
CA THR B 107 8.72 -2.08 1.89
C THR B 107 7.58 -2.67 1.08
N VAL B 108 6.48 -1.93 0.97
CA VAL B 108 5.34 -2.41 0.20
C VAL B 108 5.65 -2.29 -1.28
N GLY B 109 5.51 -3.39 -2.00
CA GLY B 109 5.75 -3.42 -3.44
C GLY B 109 4.50 -3.31 -4.27
N ALA B 110 3.36 -3.74 -3.73
CA ALA B 110 2.11 -3.74 -4.47
C ALA B 110 0.98 -3.68 -3.46
N THR B 111 -0.16 -3.15 -3.90
CA THR B 111 -1.38 -3.13 -3.11
C THR B 111 -2.49 -3.77 -3.93
N ILE B 112 -3.20 -4.71 -3.34
CA ILE B 112 -4.37 -5.31 -3.96
C ILE B 112 -5.60 -4.94 -3.14
N THR B 113 -6.75 -4.95 -3.79
CA THR B 113 -8.00 -4.55 -3.18
C THR B 113 -8.99 -5.70 -3.04
N GLY B 114 -8.68 -6.86 -3.61
CA GLY B 114 -9.58 -7.99 -3.54
C GLY B 114 -9.06 -9.09 -4.43
N HIS B 115 -9.94 -10.04 -4.71
CA HIS B 115 -9.62 -11.09 -5.66
C HIS B 115 -10.90 -11.59 -6.28
N VAL B 116 -10.80 -12.11 -7.50
CA VAL B 116 -11.92 -12.73 -8.21
C VAL B 116 -11.72 -14.24 -8.21
N GLU B 117 -12.81 -14.96 -7.99
CA GLU B 117 -12.82 -16.41 -8.10
C GLU B 117 -13.55 -16.75 -9.41
N LEU B 118 -12.83 -17.40 -10.30
CA LEU B 118 -13.33 -17.57 -11.67
C LEU B 118 -14.20 -18.82 -11.80
N PRO B 119 -15.08 -18.85 -12.80
CA PRO B 119 -15.91 -20.02 -13.02
C PRO B 119 -15.07 -21.27 -13.25
N GLN B 120 -15.66 -22.43 -12.92
CA GLN B 120 -15.01 -23.71 -13.15
C GLN B 120 -15.26 -24.14 -14.60
N ASP B 121 -14.63 -23.40 -15.50
CA ASP B 121 -14.92 -23.53 -16.92
C ASP B 121 -13.67 -23.06 -17.66
N GLU B 122 -13.03 -23.97 -18.39
CA GLU B 122 -11.75 -23.66 -19.01
C GLU B 122 -11.87 -22.56 -20.05
N ALA B 123 -12.95 -22.56 -20.85
CA ALA B 123 -13.10 -21.50 -21.85
C ALA B 123 -13.25 -20.15 -21.16
N GLN B 124 -14.04 -20.08 -20.09
CA GLN B 124 -14.22 -18.80 -19.41
C GLN B 124 -12.95 -18.35 -18.71
N ILE B 125 -12.20 -19.30 -18.12
CA ILE B 125 -10.91 -18.94 -17.53
C ILE B 125 -9.98 -18.38 -18.60
N ALA B 126 -9.92 -19.04 -19.76
CA ALA B 126 -9.08 -18.56 -20.84
C ALA B 126 -9.50 -17.17 -21.30
N ALA B 127 -10.81 -16.94 -21.45
CA ALA B 127 -11.28 -15.64 -21.93
C ALA B 127 -10.95 -14.54 -20.92
N TRP B 128 -11.08 -14.84 -19.63
CA TRP B 128 -10.68 -13.87 -18.61
C TRP B 128 -9.19 -13.60 -18.65
N LEU B 129 -8.39 -14.67 -18.72
CA LEU B 129 -6.93 -14.54 -18.76
C LEU B 129 -6.50 -13.72 -19.96
N ALA B 130 -7.17 -13.89 -21.10
CA ALA B 130 -6.76 -13.18 -22.30
C ALA B 130 -6.84 -11.67 -22.12
N VAL B 131 -7.80 -11.19 -21.33
CA VAL B 131 -7.97 -9.76 -21.11
C VAL B 131 -7.23 -9.30 -19.86
N ASN B 132 -7.29 -10.09 -18.79
CA ASN B 132 -6.94 -9.61 -17.45
C ASN B 132 -5.64 -10.15 -16.90
N GLY B 133 -5.02 -11.14 -17.55
CA GLY B 133 -3.71 -11.57 -17.15
C GLY B 133 -3.68 -12.92 -16.48
N PRO B 134 -2.49 -13.29 -16.01
CA PRO B 134 -2.28 -14.62 -15.42
C PRO B 134 -3.19 -14.90 -14.22
N VAL B 135 -3.49 -16.19 -14.07
CA VAL B 135 -4.51 -16.69 -13.14
C VAL B 135 -3.86 -17.73 -12.23
N ALA B 136 -4.05 -17.59 -10.93
CA ALA B 136 -3.64 -18.62 -9.98
C ALA B 136 -4.59 -19.80 -10.07
N VAL B 137 -4.04 -21.02 -10.11
CA VAL B 137 -4.84 -22.24 -10.17
C VAL B 137 -4.25 -23.29 -9.25
N ALA B 138 -5.13 -24.08 -8.66
CA ALA B 138 -4.75 -25.33 -8.01
C ALA B 138 -4.79 -26.47 -9.02
N VAL B 139 -3.85 -27.41 -8.86
CA VAL B 139 -3.78 -28.59 -9.71
C VAL B 139 -3.42 -29.81 -8.87
N ASP B 140 -3.70 -30.98 -9.43
CA ASP B 140 -3.11 -32.22 -8.96
C ASP B 140 -1.77 -32.36 -9.68
N ALA B 141 -0.68 -32.15 -8.94
CA ALA B 141 0.66 -32.22 -9.48
C ALA B 141 1.41 -33.47 -9.02
N SER B 142 0.67 -34.47 -8.55
CA SER B 142 1.30 -35.65 -7.99
C SER B 142 2.15 -36.39 -9.00
N SER B 143 1.88 -36.24 -10.30
CA SER B 143 2.65 -36.90 -11.35
C SER B 143 3.70 -35.98 -11.98
N TRP B 144 3.87 -34.77 -11.47
CA TRP B 144 4.65 -33.76 -12.18
C TRP B 144 6.15 -33.82 -11.94
N MET B 145 6.61 -34.44 -10.86
CA MET B 145 8.04 -34.33 -10.55
C MET B 145 8.91 -34.79 -11.69
N THR B 146 8.44 -35.78 -12.43
CA THR B 146 9.18 -36.34 -13.52
C THR B 146 8.87 -35.76 -14.91
N TYR B 147 8.02 -34.74 -15.04
CA TYR B 147 7.75 -34.09 -16.32
C TYR B 147 9.03 -33.47 -16.86
N THR B 148 9.31 -33.72 -18.14
CA THR B 148 10.48 -33.14 -18.79
C THR B 148 10.15 -32.32 -20.03
N GLY B 149 8.90 -32.30 -20.48
CA GLY B 149 8.53 -31.44 -21.60
C GLY B 149 7.39 -32.03 -22.38
N GLY B 150 6.86 -31.21 -23.29
CA GLY B 150 5.72 -31.58 -24.10
C GLY B 150 4.42 -31.13 -23.48
N VAL B 151 3.33 -31.51 -24.13
CA VAL B 151 2.00 -31.24 -23.60
C VAL B 151 1.60 -32.45 -22.77
N MET B 152 1.58 -32.26 -21.45
CA MET B 152 1.16 -33.32 -20.56
C MET B 152 -0.30 -33.62 -20.83
N THR B 153 -0.59 -34.86 -21.23
CA THR B 153 -1.91 -35.47 -21.39
C THR B 153 -2.20 -36.64 -20.45
N SER B 154 -1.10 -37.04 -19.76
CA SER B 154 -0.97 -38.06 -18.77
C SER B 154 -0.72 -37.37 -17.40
N CYS B 155 -1.71 -36.73 -16.84
CA CYS B 155 -1.83 -36.12 -15.52
C CYS B 155 -2.71 -36.95 -14.61
N VAL B 156 -2.19 -37.29 -13.43
CA VAL B 156 -3.03 -37.80 -12.35
C VAL B 156 -3.93 -36.67 -11.89
N SER B 157 -5.21 -36.78 -12.16
CA SER B 157 -6.11 -35.71 -11.84
C SER B 157 -7.12 -36.13 -10.75
N GLU B 158 -6.65 -36.46 -9.56
CA GLU B 158 -7.42 -37.08 -8.49
C GLU B 158 -7.67 -36.16 -7.30
N GLN B 159 -6.69 -35.32 -6.95
CA GLN B 159 -6.84 -34.47 -5.78
C GLN B 159 -5.93 -33.28 -5.92
N LEU B 160 -6.48 -32.09 -5.67
CA LEU B 160 -5.68 -30.88 -5.72
C LEU B 160 -4.60 -30.93 -4.64
N ASP B 161 -3.38 -30.56 -5.02
CA ASP B 161 -2.29 -30.57 -4.06
C ASP B 161 -1.22 -29.53 -4.36
N HIS B 162 -1.42 -28.64 -5.33
CA HIS B 162 -0.31 -27.77 -5.74
C HIS B 162 -0.89 -26.51 -6.35
N GLY B 163 -0.27 -25.37 -6.06
CA GLY B 163 -0.67 -24.10 -6.62
C GLY B 163 0.35 -23.65 -7.65
N VAL B 164 -0.15 -23.21 -8.80
CA VAL B 164 0.68 -22.77 -9.91
C VAL B 164 0.04 -21.56 -10.58
N LEU B 165 0.60 -21.10 -11.69
CA LEU B 165 0.14 -19.88 -12.33
C LEU B 165 -0.07 -20.12 -13.82
N LEU B 166 -1.31 -19.96 -14.28
CA LEU B 166 -1.57 -20.00 -15.74
C LEU B 166 -1.09 -18.68 -16.31
N VAL B 167 -0.22 -18.75 -17.31
CA VAL B 167 0.27 -17.56 -17.99
C VAL B 167 -0.17 -17.46 -19.43
N GLY B 168 -0.81 -18.48 -19.98
CA GLY B 168 -1.22 -18.44 -21.37
C GLY B 168 -1.85 -19.75 -21.78
N TYR B 169 -2.14 -19.84 -23.07
CA TYR B 169 -2.72 -21.05 -23.66
C TYR B 169 -2.53 -20.97 -25.16
N ASN B 170 -2.78 -22.10 -25.83
CA ASN B 170 -2.78 -22.15 -27.28
C ASN B 170 -3.91 -23.09 -27.66
N ASP B 171 -5.02 -22.52 -28.16
CA ASP B 171 -6.16 -23.31 -28.60
C ASP B 171 -6.01 -23.84 -30.01
N SER B 172 -4.95 -23.47 -30.75
CA SER B 172 -4.83 -23.87 -32.15
C SER B 172 -4.08 -25.17 -32.35
N ALA B 173 -3.38 -25.65 -31.34
CA ALA B 173 -2.61 -26.88 -31.45
C ALA B 173 -3.56 -28.08 -31.56
N ALA B 174 -3.05 -29.17 -32.12
CA ALA B 174 -3.89 -30.35 -32.27
C ALA B 174 -4.42 -30.80 -30.93
N VAL B 175 -3.56 -30.80 -29.91
CA VAL B 175 -4.01 -30.91 -28.52
C VAL B 175 -3.84 -29.52 -27.91
N PRO B 176 -4.92 -28.78 -27.70
CA PRO B 176 -4.78 -27.44 -27.13
C PRO B 176 -4.17 -27.53 -25.75
N TYR B 177 -3.50 -26.45 -25.31
CA TYR B 177 -2.77 -26.52 -24.06
C TYR B 177 -2.80 -25.21 -23.28
N TRP B 178 -2.67 -25.36 -21.97
CA TRP B 178 -2.38 -24.28 -21.05
C TRP B 178 -0.87 -24.19 -20.88
N ILE B 179 -0.40 -22.98 -20.57
CA ILE B 179 1.01 -22.70 -20.26
C ILE B 179 1.07 -22.30 -18.80
N ILE B 180 1.84 -23.04 -18.04
CA ILE B 180 1.83 -22.89 -16.58
C ILE B 180 3.24 -22.67 -16.03
N LYS B 181 3.37 -21.63 -15.19
CA LYS B 181 4.59 -21.35 -14.45
C LYS B 181 4.58 -22.15 -13.13
N ASN B 182 5.63 -22.92 -12.90
CA ASN B 182 5.83 -23.68 -11.66
C ASN B 182 6.90 -22.99 -10.82
N SER B 183 7.11 -23.49 -9.61
CA SER B 183 8.06 -22.92 -8.64
C SER B 183 9.11 -23.94 -8.21
N TRP B 184 9.59 -24.73 -9.17
CA TRP B 184 10.54 -25.81 -8.94
C TRP B 184 11.86 -25.58 -9.67
N THR B 185 12.25 -24.30 -9.85
CA THR B 185 13.44 -23.89 -10.59
C THR B 185 13.26 -24.05 -12.10
N THR B 186 14.17 -23.46 -12.87
CA THR B 186 14.16 -23.62 -14.32
C THR B 186 14.76 -24.93 -14.77
N GLN B 187 15.34 -25.72 -13.86
CA GLN B 187 15.85 -27.03 -14.25
C GLN B 187 14.73 -28.04 -14.43
N TRP B 188 13.52 -27.73 -13.97
CA TRP B 188 12.39 -28.62 -14.10
C TRP B 188 11.55 -28.23 -15.31
N GLY B 189 11.05 -29.23 -16.04
CA GLY B 189 10.12 -28.96 -17.12
C GLY B 189 10.76 -28.17 -18.24
N GLU B 190 9.97 -27.25 -18.81
CA GLU B 190 10.37 -26.42 -19.94
C GLU B 190 10.83 -25.09 -19.36
N GLU B 191 12.11 -25.04 -18.96
CA GLU B 191 12.66 -23.88 -18.26
C GLU B 191 11.77 -23.44 -17.09
N GLY B 192 11.23 -24.42 -16.37
CA GLY B 192 10.41 -24.16 -15.20
C GLY B 192 8.91 -24.11 -15.45
N TYR B 193 8.50 -24.19 -16.72
CA TYR B 193 7.12 -24.17 -17.14
C TYR B 193 6.67 -25.56 -17.54
N ILE B 194 5.36 -25.75 -17.57
CA ILE B 194 4.74 -26.98 -18.06
C ILE B 194 3.57 -26.61 -18.96
N ARG B 195 3.37 -27.37 -20.01
CA ARG B 195 2.15 -27.30 -20.80
C ARG B 195 1.30 -28.52 -20.48
N ILE B 196 0.02 -28.29 -20.21
CA ILE B 196 -0.93 -29.37 -19.99
C ILE B 196 -2.09 -29.22 -20.97
N ALA B 197 -2.72 -30.36 -21.31
CA ALA B 197 -3.85 -30.30 -22.25
C ALA B 197 -4.95 -29.40 -21.69
N LYS B 198 -5.63 -28.73 -22.59
CA LYS B 198 -6.69 -27.78 -22.27
C LYS B 198 -8.01 -28.26 -22.86
N GLY B 199 -9.04 -28.30 -22.01
CA GLY B 199 -10.38 -28.64 -22.42
C GLY B 199 -10.97 -29.89 -21.78
N SER B 200 -10.17 -30.65 -21.01
CA SER B 200 -10.65 -31.88 -20.39
C SER B 200 -10.39 -31.89 -18.90
N ASN B 201 -10.23 -30.70 -18.30
CA ASN B 201 -9.98 -30.54 -16.87
C ASN B 201 -8.74 -31.32 -16.42
N GLN B 202 -7.73 -31.33 -17.25
N GLN B 202 -7.72 -31.33 -17.27
CA GLN B 202 -6.49 -32.02 -16.92
CA GLN B 202 -6.47 -31.98 -16.95
C GLN B 202 -5.89 -31.46 -15.64
C GLN B 202 -5.90 -31.45 -15.63
N CYS B 203 -5.48 -32.36 -14.75
CA CYS B 203 -4.91 -32.01 -13.46
C CYS B 203 -5.87 -31.23 -12.59
N LEU B 204 -7.17 -31.26 -12.92
CA LEU B 204 -8.21 -30.53 -12.20
C LEU B 204 -8.05 -29.01 -12.29
N VAL B 205 -7.45 -28.54 -13.39
CA VAL B 205 -7.02 -27.15 -13.51
C VAL B 205 -8.17 -26.14 -13.43
N LYS B 206 -9.40 -26.54 -13.79
CA LYS B 206 -10.50 -25.57 -13.77
C LYS B 206 -11.11 -25.36 -12.39
N GLU B 207 -10.73 -26.16 -11.39
N GLU B 207 -10.73 -26.12 -11.38
CA GLU B 207 -11.53 -26.25 -10.16
CA GLU B 207 -11.57 -26.21 -10.19
C GLU B 207 -11.41 -25.00 -9.29
C GLU B 207 -11.37 -25.06 -9.21
N GLU B 208 -10.20 -24.44 -9.18
CA GLU B 208 -9.95 -23.39 -8.19
C GLU B 208 -9.04 -22.32 -8.80
N ALA B 209 -9.60 -21.56 -9.73
CA ALA B 209 -8.89 -20.52 -10.46
C ALA B 209 -9.29 -19.15 -9.92
N SER B 210 -8.31 -18.29 -9.67
CA SER B 210 -8.62 -16.99 -9.10
C SER B 210 -7.49 -16.02 -9.42
N SER B 211 -7.76 -14.75 -9.16
CA SER B 211 -6.77 -13.72 -9.40
C SER B 211 -6.98 -12.56 -8.44
N ALA B 212 -5.86 -12.03 -7.94
CA ALA B 212 -5.90 -10.79 -7.21
C ALA B 212 -6.32 -9.66 -8.13
N VAL B 213 -6.84 -8.59 -7.52
CA VAL B 213 -7.27 -7.41 -8.25
C VAL B 213 -6.50 -6.22 -7.69
N VAL B 214 -5.97 -5.44 -8.58
CA VAL B 214 -5.27 -4.19 -8.25
C VAL B 214 -6.14 -3.00 -8.63
N GLY B 215 -6.27 -2.09 -7.69
CA GLY B 215 -6.99 -0.87 -7.92
C GLY B 215 -8.39 -1.28 -8.21
C1 EDO C . -3.17 33.73 11.38
O1 EDO C . -2.51 33.08 10.29
C2 EDO C . -4.25 32.83 11.97
O2 EDO C . -3.72 31.63 12.49
H11 EDO C . -2.43 33.97 12.15
H12 EDO C . -3.61 34.67 11.04
HO1 EDO C . -1.83 33.65 9.93
H21 EDO C . -4.98 32.60 11.19
H22 EDO C . -4.77 33.37 12.76
HO2 EDO C . -4.43 31.08 12.85
C1 EDO D . 9.26 28.43 25.60
O1 EDO D . 8.74 29.75 25.82
C2 EDO D . 8.76 27.43 26.62
O2 EDO D . 7.52 27.85 27.18
H11 EDO D . 10.36 28.47 25.63
H12 EDO D . 8.98 28.11 24.60
HO1 EDO D . 9.00 30.07 26.70
H21 EDO D . 8.64 26.45 26.14
H22 EDO D . 9.50 27.32 27.42
HO2 EDO D . 6.86 27.93 26.47
C1 EDO E . 6.38 3.31 15.65
O1 EDO E . 7.74 3.49 16.05
C2 EDO E . 5.53 2.92 16.85
O2 EDO E . 4.14 2.93 16.49
H11 EDO E . 6.31 2.53 14.90
H12 EDO E . 6.00 4.24 15.22
HO1 EDO E . 7.79 4.20 16.73
H21 EDO E . 5.81 1.92 17.19
H22 EDO E . 5.69 3.62 17.67
HO2 EDO E . 3.99 2.31 15.77
P PO4 F . -5.57 19.15 -13.04
O1 PO4 F . -5.43 20.23 -11.99
O2 PO4 F . -7.00 18.65 -13.04
O3 PO4 F . -4.62 18.02 -12.76
O4 PO4 F . -5.30 19.76 -14.38
P PO4 G . -2.53 20.67 -9.30
O1 PO4 G . -2.89 20.22 -7.92
O2 PO4 G . -1.70 21.94 -9.17
O3 PO4 G . -1.75 19.61 -10.03
O4 PO4 G . -3.82 20.99 -10.03
C1 EDO H . -0.42 -11.84 -23.95
O1 EDO H . -0.61 -12.69 -25.10
C2 EDO H . -1.48 -10.75 -23.97
O2 EDO H . -1.24 -9.85 -25.07
H11 EDO H . 0.57 -11.40 -23.97
H12 EDO H . -0.52 -12.43 -23.04
HO1 EDO H . -0.51 -12.17 -25.91
H21 EDO H . -2.48 -11.19 -24.08
H22 EDO H . -1.45 -10.19 -23.03
HO2 EDO H . -1.91 -9.15 -25.07
C1 EDO I . 7.92 -36.49 -20.39
O1 EDO I . 7.46 -35.27 -19.80
C2 EDO I . 8.31 -37.46 -19.28
O2 EDO I . 9.45 -36.94 -18.59
H11 EDO I . 8.79 -36.29 -21.02
H12 EDO I . 7.14 -36.93 -21.02
HO1 EDO I . 7.21 -34.65 -20.51
H21 EDO I . 7.47 -37.57 -18.58
H22 EDO I . 8.53 -38.44 -19.70
HO2 EDO I . 9.70 -37.56 -17.89
#